data_8RQT
#
_entry.id   8RQT
#
_cell.length_a   81.149
_cell.length_b   87.842
_cell.length_c   153.093
_cell.angle_alpha   90
_cell.angle_beta   90
_cell.angle_gamma   90
#
_symmetry.space_group_name_H-M   'P 21 21 21'
#
loop_
_entity.id
_entity.type
_entity.pdbx_description
1 polymer 'Peroxisomal biogenesis factor 8'
2 water water
#
_entity_poly.entity_id   1
_entity_poly.type   'polypeptide(L)'
_entity_poly.pdbx_seq_one_letter_code
;MYRLGSQGRSIQSQLQNGDSSSGRPLQLQGTGMREAQRIPQQLDYLLAEIISPNEDTNVIGYLAYYYPKLKNEQNVALLT
DFFLRCPTYFSHSNVVSLRNNYPVMEAFNYIMTTKFKVSQPTVPFYRFYAAVLASLLNCEKTDPSHHWKLIPILTGVLLS
IKGRDDVELYPDHSRSIKGSDTAVAQLLQRCLLRFYQSGDARSYDLNALVIISMSCALDYVEDDTIKKILYCFNYTRAII
DLIYYSPYGLNDSDIPLLSDSSVNSQSFDQLLNNNPALKHLNRLSFLFERTVKLNDGSIQSNLNDIDISLNKMQSFSEKL
SKKISVLDDDSSKGVGQLLRQCLYASIIIHQAILTTFFQLDNADYTKYFLPSFSRKILSILFNLFFIVDRIGTGGFQPYN
FVYLTCLQGIIQYDMKTAESLVKTFTTGINYSSLKDSEVARAKLLFTLNLMEQIVNICSDDLRLELIVPLVEDLVNNKNA
CVDIHNHVFKSIFESAHSVILKFFTVVDSSVKNVDYETNVTLVSEKIIPYLTLVIDQFPEFLSINQLDIAIETISRTVFP
DSPIYSYDKNISSMFLNVLFNKCLTVDNDELVELPAIEAVVAPKNDEENNTSDAQDGGPKELQSLNDLKSRRSALISALI
SVFPLIPVKDYTKWLSIAFYDLIVATPERTERAFLQERLWDCVVGTNKYDPQKGNLGIMWWYENVNAQSTAKL
;
_entity_poly.pdbx_strand_id   A
#
# COMPACT_ATOMS: atom_id res chain seq x y z
N LEU A 43 -20.24 15.34 -47.49
CA LEU A 43 -20.28 14.47 -46.27
C LEU A 43 -20.02 13.02 -46.68
N ASP A 44 -20.94 12.47 -47.47
CA ASP A 44 -21.11 11.03 -47.63
C ASP A 44 -19.82 10.32 -48.06
N TYR A 45 -18.81 11.08 -48.53
CA TYR A 45 -17.48 10.52 -48.71
C TYR A 45 -17.08 9.81 -47.41
N LEU A 46 -17.35 10.48 -46.30
CA LEU A 46 -17.10 9.91 -44.98
C LEU A 46 -18.02 8.72 -44.72
N LEU A 47 -19.33 8.90 -44.93
CA LEU A 47 -20.32 7.89 -44.57
C LEU A 47 -19.95 6.54 -45.20
N ALA A 48 -19.50 6.57 -46.47
CA ALA A 48 -19.21 5.37 -47.22
C ALA A 48 -17.96 4.68 -46.69
N GLU A 49 -16.98 5.48 -46.24
CA GLU A 49 -15.74 4.96 -45.71
C GLU A 49 -15.96 4.30 -44.35
N ILE A 50 -17.02 4.71 -43.62
CA ILE A 50 -17.37 4.10 -42.34
C ILE A 50 -17.95 2.71 -42.56
N ILE A 51 -18.77 2.53 -43.61
CA ILE A 51 -19.40 1.24 -43.87
C ILE A 51 -18.37 0.23 -44.33
N SER A 52 -17.32 0.67 -45.05
CA SER A 52 -16.29 -0.24 -45.52
C SER A 52 -14.94 0.46 -45.41
N PRO A 53 -14.32 0.45 -44.21
CA PRO A 53 -12.99 1.01 -44.00
C PRO A 53 -11.89 0.35 -44.83
N ASN A 54 -10.72 0.98 -44.83
CA ASN A 54 -9.49 0.37 -45.28
C ASN A 54 -8.77 -0.24 -44.07
N GLU A 55 -7.44 -0.41 -44.20
CA GLU A 55 -6.60 -0.86 -43.09
C GLU A 55 -5.90 0.33 -42.46
N ASP A 56 -6.11 1.53 -43.04
CA ASP A 56 -5.41 2.74 -42.65
C ASP A 56 -6.40 3.87 -42.30
N THR A 57 -7.71 3.64 -42.51
CA THR A 57 -8.73 4.60 -42.10
C THR A 57 -8.90 4.53 -40.59
N ASN A 58 -8.95 5.69 -39.95
CA ASN A 58 -9.14 5.81 -38.51
C ASN A 58 -10.51 6.43 -38.27
N VAL A 59 -11.52 5.57 -38.06
CA VAL A 59 -12.92 5.98 -38.08
C VAL A 59 -13.22 6.83 -36.84
N ILE A 60 -12.66 6.44 -35.69
CA ILE A 60 -12.89 7.14 -34.45
C ILE A 60 -12.33 8.56 -34.55
N GLY A 61 -11.10 8.68 -35.06
CA GLY A 61 -10.46 9.96 -35.26
C GLY A 61 -11.34 10.88 -36.12
N TYR A 62 -11.84 10.33 -37.23
CA TYR A 62 -12.76 11.07 -38.07
C TYR A 62 -13.90 11.62 -37.22
N LEU A 63 -14.48 10.76 -36.36
CA LEU A 63 -15.69 11.09 -35.62
C LEU A 63 -15.43 12.23 -34.63
N ALA A 64 -14.37 12.10 -33.82
CA ALA A 64 -14.01 13.16 -32.89
C ALA A 64 -13.85 14.49 -33.63
N TYR A 65 -13.45 14.43 -34.91
CA TYR A 65 -13.28 15.61 -35.74
C TYR A 65 -14.64 16.19 -36.16
N TYR A 66 -15.49 15.38 -36.80
CA TYR A 66 -16.63 15.91 -37.54
C TYR A 66 -17.85 16.16 -36.66
N TYR A 67 -18.03 15.39 -35.58
CA TYR A 67 -19.22 15.55 -34.74
C TYR A 67 -19.39 17.02 -34.35
N PRO A 68 -18.37 17.68 -33.73
CA PRO A 68 -18.53 19.05 -33.23
C PRO A 68 -18.72 20.14 -34.27
N LYS A 69 -18.52 19.79 -35.55
CA LYS A 69 -18.47 20.77 -36.63
C LYS A 69 -19.74 20.67 -37.50
N LEU A 70 -20.56 19.65 -37.24
CA LEU A 70 -21.72 19.38 -38.10
C LEU A 70 -22.75 20.49 -37.94
N LYS A 71 -23.29 20.98 -39.06
CA LYS A 71 -24.08 22.21 -39.06
C LYS A 71 -25.58 21.91 -39.04
N ASN A 72 -25.97 20.62 -38.98
CA ASN A 72 -27.36 20.22 -39.12
C ASN A 72 -27.66 19.01 -38.23
N GLU A 73 -28.83 19.04 -37.57
CA GLU A 73 -29.20 18.07 -36.55
C GLU A 73 -29.37 16.66 -37.13
N GLN A 74 -30.06 16.56 -38.28
CA GLN A 74 -30.29 15.25 -38.89
C GLN A 74 -28.96 14.57 -39.13
N ASN A 75 -27.95 15.33 -39.57
CA ASN A 75 -26.67 14.76 -39.97
C ASN A 75 -25.97 14.10 -38.77
N VAL A 76 -26.17 14.66 -37.57
CA VAL A 76 -25.62 14.08 -36.36
C VAL A 76 -26.21 12.69 -36.12
N ALA A 77 -27.53 12.57 -36.30
CA ALA A 77 -28.20 11.29 -36.11
C ALA A 77 -27.73 10.29 -37.16
N LEU A 78 -27.67 10.75 -38.42
CA LEU A 78 -27.16 10.01 -39.57
C LEU A 78 -25.80 9.41 -39.27
N LEU A 79 -24.87 10.27 -38.84
CA LEU A 79 -23.50 9.85 -38.60
C LEU A 79 -23.49 8.73 -37.56
N THR A 80 -24.20 8.98 -36.46
CA THR A 80 -24.33 8.03 -35.38
C THR A 80 -24.90 6.71 -35.89
N ASP A 81 -25.99 6.80 -36.67
CA ASP A 81 -26.64 5.65 -37.29
C ASP A 81 -25.62 4.85 -38.09
N PHE A 82 -24.87 5.52 -38.96
CA PHE A 82 -23.85 4.90 -39.79
C PHE A 82 -22.70 4.38 -38.94
N PHE A 83 -22.36 5.11 -37.89
CA PHE A 83 -21.24 4.69 -37.08
C PHE A 83 -21.54 3.33 -36.45
N LEU A 84 -22.81 3.06 -36.15
CA LEU A 84 -23.19 1.83 -35.45
C LEU A 84 -23.22 0.64 -36.40
N ARG A 85 -23.05 0.91 -37.70
CA ARG A 85 -22.96 -0.14 -38.70
C ARG A 85 -21.51 -0.47 -39.02
N CYS A 86 -20.57 0.38 -38.61
CA CYS A 86 -19.17 0.22 -38.96
C CYS A 86 -18.65 -1.16 -38.58
N PRO A 87 -18.11 -1.98 -39.51
CA PRO A 87 -17.66 -3.34 -39.17
C PRO A 87 -16.29 -3.47 -38.49
N THR A 88 -15.50 -2.40 -38.45
CA THR A 88 -14.25 -2.47 -37.70
C THR A 88 -14.53 -2.73 -36.21
N TYR A 89 -15.66 -2.23 -35.70
CA TYR A 89 -15.99 -2.31 -34.27
C TYR A 89 -17.17 -3.26 -33.99
N PHE A 90 -18.14 -3.31 -34.91
CA PHE A 90 -19.49 -3.75 -34.60
C PHE A 90 -19.99 -4.84 -35.55
N SER A 91 -19.10 -5.64 -36.16
CA SER A 91 -19.57 -6.75 -36.97
C SER A 91 -19.82 -7.96 -36.06
N HIS A 92 -18.92 -8.96 -36.07
CA HIS A 92 -19.14 -10.19 -35.33
C HIS A 92 -18.50 -10.08 -33.94
N SER A 93 -19.22 -10.59 -32.91
CA SER A 93 -18.77 -10.60 -31.53
C SER A 93 -17.58 -11.53 -31.29
N ASN A 94 -17.38 -12.51 -32.18
CA ASN A 94 -16.31 -13.49 -32.07
C ASN A 94 -14.93 -12.86 -32.29
N VAL A 95 -14.87 -11.82 -33.15
CA VAL A 95 -13.63 -11.31 -33.71
C VAL A 95 -13.37 -9.87 -33.28
N VAL A 96 -14.28 -9.30 -32.49
CA VAL A 96 -14.13 -7.94 -31.98
C VAL A 96 -12.93 -7.90 -31.04
N SER A 97 -12.22 -6.77 -31.11
CA SER A 97 -10.99 -6.58 -30.36
C SER A 97 -11.16 -5.47 -29.32
N LEU A 98 -10.61 -5.73 -28.13
CA LEU A 98 -10.69 -4.77 -27.05
C LEU A 98 -9.96 -3.49 -27.44
N ARG A 99 -8.84 -3.65 -28.19
CA ARG A 99 -8.00 -2.52 -28.56
C ARG A 99 -8.74 -1.61 -29.53
N ASN A 100 -9.65 -2.17 -30.32
CA ASN A 100 -10.41 -1.39 -31.29
C ASN A 100 -11.59 -0.68 -30.62
N ASN A 101 -12.31 -1.40 -29.75
CA ASN A 101 -13.56 -0.90 -29.23
C ASN A 101 -13.36 0.00 -28.00
N TYR A 102 -12.36 -0.31 -27.16
CA TYR A 102 -12.13 0.47 -25.95
C TYR A 102 -12.08 1.98 -26.26
N PRO A 103 -11.27 2.46 -27.23
CA PRO A 103 -11.20 3.90 -27.51
C PRO A 103 -12.53 4.60 -27.79
N VAL A 104 -13.58 3.85 -28.12
CA VAL A 104 -14.85 4.48 -28.44
C VAL A 104 -15.32 5.23 -27.19
N MET A 105 -14.91 4.72 -26.03
CA MET A 105 -15.33 5.26 -24.74
C MET A 105 -14.76 6.67 -24.56
N GLU A 106 -13.44 6.77 -24.75
CA GLU A 106 -12.72 8.03 -24.65
C GLU A 106 -13.24 8.99 -25.72
N ALA A 107 -13.45 8.47 -26.93
CA ALA A 107 -13.90 9.28 -28.04
C ALA A 107 -15.18 10.02 -27.68
N PHE A 108 -16.15 9.30 -27.09
CA PHE A 108 -17.45 9.88 -26.80
C PHE A 108 -17.37 10.79 -25.57
N ASN A 109 -16.57 10.41 -24.60
CA ASN A 109 -16.17 11.37 -23.58
C ASN A 109 -15.69 12.67 -24.24
N TYR A 110 -14.82 12.54 -25.25
CA TYR A 110 -14.23 13.71 -25.88
C TYR A 110 -15.30 14.50 -26.62
N ILE A 111 -16.07 13.78 -27.44
CA ILE A 111 -17.02 14.38 -28.36
C ILE A 111 -18.05 15.19 -27.58
N MET A 112 -18.60 14.58 -26.53
CA MET A 112 -19.66 15.22 -25.78
C MET A 112 -19.09 16.46 -25.10
N THR A 113 -17.96 16.30 -24.39
CA THR A 113 -17.37 17.41 -23.65
C THR A 113 -17.08 18.59 -24.60
N THR A 114 -16.42 18.37 -25.75
CA THR A 114 -15.99 19.51 -26.54
C THR A 114 -17.20 20.17 -27.19
N LYS A 115 -18.28 19.39 -27.40
CA LYS A 115 -19.48 19.91 -28.04
C LYS A 115 -20.22 20.84 -27.07
N PHE A 116 -20.23 20.44 -25.79
CA PHE A 116 -20.81 21.23 -24.71
C PHE A 116 -20.05 22.55 -24.54
N LYS A 117 -18.75 22.56 -24.89
CA LYS A 117 -17.87 23.72 -24.77
C LYS A 117 -18.13 24.74 -25.88
N VAL A 118 -18.26 24.30 -27.14
CA VAL A 118 -18.46 25.24 -28.24
C VAL A 118 -19.56 26.24 -27.85
N SER A 119 -19.19 27.53 -27.87
CA SER A 119 -20.11 28.63 -27.61
C SER A 119 -20.82 28.96 -28.92
N GLN A 120 -22.07 29.45 -28.81
CA GLN A 120 -22.89 29.84 -29.95
C GLN A 120 -22.71 28.85 -31.12
N PRO A 121 -22.93 27.52 -30.91
CA PRO A 121 -22.80 26.55 -31.99
C PRO A 121 -24.05 26.60 -32.86
N THR A 122 -23.92 26.35 -34.18
CA THR A 122 -25.07 26.44 -35.07
C THR A 122 -26.16 25.47 -34.59
N VAL A 123 -25.71 24.27 -34.17
CA VAL A 123 -26.58 23.24 -33.63
C VAL A 123 -26.41 23.20 -32.11
N PRO A 124 -27.40 23.67 -31.32
CA PRO A 124 -27.28 23.66 -29.86
C PRO A 124 -26.97 22.27 -29.29
N PHE A 125 -26.38 22.24 -28.09
CA PHE A 125 -25.95 21.01 -27.47
C PHE A 125 -27.12 20.07 -27.22
N TYR A 126 -28.24 20.62 -26.74
CA TYR A 126 -29.35 19.80 -26.30
C TYR A 126 -29.85 19.02 -27.52
N ARG A 127 -29.93 19.71 -28.67
CA ARG A 127 -30.36 19.13 -29.93
C ARG A 127 -29.35 18.13 -30.48
N PHE A 128 -28.06 18.45 -30.32
CA PHE A 128 -27.00 17.55 -30.70
C PHE A 128 -27.18 16.24 -29.94
N TYR A 129 -27.52 16.33 -28.64
CA TYR A 129 -27.55 15.19 -27.75
C TYR A 129 -28.78 14.34 -28.04
N ALA A 130 -29.90 15.00 -28.33
CA ALA A 130 -31.14 14.34 -28.68
C ALA A 130 -30.98 13.49 -29.93
N ALA A 131 -30.10 13.96 -30.84
CA ALA A 131 -29.86 13.30 -32.12
C ALA A 131 -29.03 12.05 -31.92
N VAL A 132 -28.01 12.12 -31.08
CA VAL A 132 -27.20 10.95 -30.77
C VAL A 132 -28.07 9.89 -30.09
N LEU A 133 -28.90 10.35 -29.14
CA LEU A 133 -29.65 9.45 -28.28
C LEU A 133 -30.72 8.71 -29.09
N ALA A 134 -31.47 9.43 -29.93
CA ALA A 134 -32.43 8.79 -30.81
C ALA A 134 -31.78 7.61 -31.51
N SER A 135 -30.50 7.76 -31.88
CA SER A 135 -29.77 6.77 -32.64
C SER A 135 -29.36 5.59 -31.75
N LEU A 136 -28.93 5.87 -30.52
CA LEU A 136 -28.59 4.80 -29.59
C LEU A 136 -29.81 3.95 -29.28
N LEU A 137 -30.97 4.60 -29.14
CA LEU A 137 -32.23 3.96 -28.76
C LEU A 137 -32.74 3.09 -29.92
N ASN A 138 -32.51 3.57 -31.16
CA ASN A 138 -32.87 2.85 -32.37
C ASN A 138 -32.00 1.60 -32.47
N CYS A 139 -30.73 1.72 -32.07
CA CYS A 139 -29.85 0.58 -32.00
C CYS A 139 -30.42 -0.50 -31.07
N GLU A 140 -30.89 -0.10 -29.88
CA GLU A 140 -31.40 -1.00 -28.86
C GLU A 140 -32.63 -1.74 -29.39
N LYS A 141 -33.55 -1.00 -30.03
CA LYS A 141 -34.78 -1.57 -30.57
C LYS A 141 -34.46 -2.61 -31.65
N THR A 142 -33.61 -2.28 -32.63
CA THR A 142 -33.47 -3.07 -33.84
C THR A 142 -32.33 -4.09 -33.75
N ASP A 143 -31.34 -3.92 -32.87
CA ASP A 143 -30.13 -4.71 -33.00
C ASP A 143 -30.03 -5.63 -31.79
N PRO A 144 -30.11 -6.97 -31.99
CA PRO A 144 -30.06 -7.91 -30.86
C PRO A 144 -28.68 -7.97 -30.21
N SER A 145 -27.66 -7.45 -30.90
CA SER A 145 -26.33 -7.30 -30.36
C SER A 145 -26.04 -5.86 -29.94
N HIS A 146 -27.08 -5.10 -29.55
CA HIS A 146 -26.95 -3.70 -29.17
C HIS A 146 -26.10 -3.53 -27.90
N HIS A 147 -26.02 -4.56 -27.04
CA HIS A 147 -25.55 -4.36 -25.68
C HIS A 147 -24.06 -3.98 -25.63
N TRP A 148 -23.16 -4.87 -26.07
CA TRP A 148 -21.72 -4.58 -26.02
C TRP A 148 -21.33 -3.48 -27.01
N LYS A 149 -22.13 -3.29 -28.06
CA LYS A 149 -21.90 -2.22 -29.00
C LYS A 149 -22.06 -0.87 -28.31
N LEU A 150 -23.13 -0.71 -27.53
CA LEU A 150 -23.55 0.58 -26.99
C LEU A 150 -22.84 0.94 -25.68
N ILE A 151 -22.32 -0.06 -24.94
CA ILE A 151 -21.91 0.14 -23.56
C ILE A 151 -20.78 1.17 -23.48
N PRO A 152 -19.69 1.07 -24.30
CA PRO A 152 -18.60 2.06 -24.26
C PRO A 152 -19.09 3.46 -24.61
N ILE A 153 -20.07 3.54 -25.53
CA ILE A 153 -20.58 4.82 -25.97
C ILE A 153 -21.33 5.47 -24.83
N LEU A 154 -22.20 4.71 -24.16
CA LEU A 154 -22.99 5.20 -23.04
C LEU A 154 -22.04 5.63 -21.91
N THR A 155 -21.12 4.75 -21.51
CA THR A 155 -20.09 5.07 -20.55
C THR A 155 -19.42 6.41 -20.91
N GLY A 156 -19.00 6.52 -22.17
CA GLY A 156 -18.30 7.72 -22.62
C GLY A 156 -19.16 8.94 -22.36
N VAL A 157 -20.44 8.87 -22.78
CA VAL A 157 -21.32 10.02 -22.70
C VAL A 157 -21.50 10.39 -21.22
N LEU A 158 -21.42 9.38 -20.36
CA LEU A 158 -21.69 9.58 -18.96
C LEU A 158 -20.50 10.28 -18.31
N LEU A 159 -19.28 9.79 -18.57
CA LEU A 159 -18.05 10.45 -18.12
C LEU A 159 -18.10 11.95 -18.40
N SER A 160 -18.67 12.37 -19.53
CA SER A 160 -18.72 13.77 -19.94
C SER A 160 -19.52 14.65 -18.97
N ILE A 161 -20.30 14.05 -18.05
CA ILE A 161 -21.23 14.84 -17.25
C ILE A 161 -20.46 15.72 -16.27
N LYS A 162 -19.38 15.20 -15.64
CA LYS A 162 -18.54 15.99 -14.75
C LYS A 162 -18.00 17.23 -15.47
N GLY A 163 -17.36 17.02 -16.62
CA GLY A 163 -16.73 18.10 -17.38
C GLY A 163 -17.67 19.28 -17.64
N ARG A 164 -18.98 19.06 -17.55
CA ARG A 164 -19.96 20.12 -17.77
C ARG A 164 -19.94 21.09 -16.60
N ASP A 165 -19.95 20.57 -15.37
CA ASP A 165 -19.97 21.40 -14.18
C ASP A 165 -18.83 22.44 -14.23
N ASP A 166 -17.67 22.04 -14.77
CA ASP A 166 -16.52 22.94 -14.91
C ASP A 166 -16.86 24.11 -15.82
N VAL A 167 -17.63 23.86 -16.88
CA VAL A 167 -17.90 24.86 -17.90
C VAL A 167 -19.10 25.73 -17.48
N GLU A 168 -20.23 25.11 -17.15
CA GLU A 168 -21.41 25.82 -16.65
C GLU A 168 -22.40 24.79 -16.08
N LEU A 169 -23.13 25.18 -15.02
CA LEU A 169 -24.12 24.30 -14.42
C LEU A 169 -25.53 24.64 -14.89
N TYR A 170 -25.79 25.88 -15.34
CA TYR A 170 -27.13 26.31 -15.73
C TYR A 170 -27.20 26.64 -17.23
N PRO A 171 -27.15 25.63 -18.13
CA PRO A 171 -27.38 25.87 -19.57
C PRO A 171 -28.85 26.12 -19.88
N ASP A 172 -29.13 26.75 -21.03
CA ASP A 172 -30.43 27.37 -21.29
C ASP A 172 -31.54 26.30 -21.41
N HIS A 173 -31.20 25.08 -21.87
CA HIS A 173 -32.18 24.01 -22.04
C HIS A 173 -31.76 22.76 -21.27
N SER A 174 -31.71 22.87 -19.93
CA SER A 174 -31.24 21.78 -19.09
C SER A 174 -32.32 20.72 -18.87
N ARG A 175 -33.59 21.03 -19.14
CA ARG A 175 -34.65 20.04 -18.96
C ARG A 175 -34.44 18.90 -19.97
N SER A 176 -34.23 19.23 -21.25
CA SER A 176 -33.83 18.27 -22.27
C SER A 176 -32.61 17.45 -21.84
N ILE A 177 -31.56 18.15 -21.38
CA ILE A 177 -30.29 17.51 -21.10
C ILE A 177 -30.47 16.49 -19.98
N LYS A 178 -31.20 16.87 -18.93
CA LYS A 178 -31.46 15.97 -17.80
C LYS A 178 -32.19 14.72 -18.30
N GLY A 179 -33.18 14.94 -19.17
CA GLY A 179 -33.91 13.85 -19.79
C GLY A 179 -32.94 12.90 -20.48
N SER A 180 -32.06 13.49 -21.29
CA SER A 180 -31.18 12.72 -22.13
C SER A 180 -30.21 11.92 -21.27
N ASP A 181 -29.73 12.53 -20.19
CA ASP A 181 -28.80 11.91 -19.27
C ASP A 181 -29.44 10.69 -18.60
N THR A 182 -30.64 10.88 -18.03
CA THR A 182 -31.41 9.79 -17.45
C THR A 182 -31.58 8.67 -18.48
N ALA A 183 -32.03 9.00 -19.70
CA ALA A 183 -32.20 7.98 -20.74
C ALA A 183 -30.92 7.16 -20.88
N VAL A 184 -29.78 7.86 -20.95
CA VAL A 184 -28.52 7.18 -21.18
C VAL A 184 -28.21 6.25 -20.00
N ALA A 185 -28.36 6.75 -18.77
CA ALA A 185 -28.06 5.92 -17.61
C ALA A 185 -29.00 4.72 -17.57
N GLN A 186 -30.29 4.95 -17.82
CA GLN A 186 -31.27 3.88 -17.82
C GLN A 186 -30.89 2.87 -18.92
N LEU A 187 -30.50 3.38 -20.08
CA LEU A 187 -30.16 2.51 -21.19
C LEU A 187 -28.94 1.66 -20.83
N LEU A 188 -28.01 2.23 -20.04
CA LEU A 188 -26.79 1.53 -19.67
C LEU A 188 -27.11 0.34 -18.78
N GLN A 189 -28.08 0.50 -17.89
CA GLN A 189 -28.49 -0.57 -16.99
C GLN A 189 -29.00 -1.76 -17.81
N ARG A 190 -29.91 -1.43 -18.74
CA ARG A 190 -30.47 -2.45 -19.60
C ARG A 190 -29.35 -3.15 -20.36
N CYS A 191 -28.36 -2.37 -20.86
CA CYS A 191 -27.37 -2.96 -21.75
C CYS A 191 -26.45 -3.86 -20.95
N LEU A 192 -26.12 -3.46 -19.70
CA LEU A 192 -25.17 -4.24 -18.92
C LEU A 192 -25.79 -5.60 -18.60
N LEU A 193 -27.08 -5.59 -18.23
CA LEU A 193 -27.79 -6.81 -17.90
C LEU A 193 -28.00 -7.71 -19.13
N ARG A 194 -28.45 -7.13 -20.26
CA ARG A 194 -28.66 -7.95 -21.45
C ARG A 194 -27.33 -8.60 -21.85
N PHE A 195 -26.21 -7.89 -21.70
CA PHE A 195 -24.93 -8.44 -22.10
C PHE A 195 -24.58 -9.71 -21.32
N TYR A 196 -24.68 -9.64 -19.99
CA TYR A 196 -24.30 -10.78 -19.16
C TYR A 196 -25.33 -11.90 -19.31
N GLN A 197 -26.58 -11.55 -19.67
CA GLN A 197 -27.58 -12.55 -20.00
C GLN A 197 -27.44 -13.11 -21.42
N SER A 198 -26.51 -12.61 -22.25
CA SER A 198 -26.54 -12.93 -23.68
C SER A 198 -25.75 -14.20 -23.96
N GLY A 199 -24.65 -14.39 -23.24
CA GLY A 199 -23.71 -15.44 -23.56
C GLY A 199 -22.38 -14.82 -24.02
N ASP A 200 -22.42 -13.53 -24.36
CA ASP A 200 -21.26 -12.85 -24.96
C ASP A 200 -20.21 -12.49 -23.92
N ALA A 201 -20.49 -12.69 -22.62
CA ALA A 201 -19.50 -12.46 -21.57
C ALA A 201 -18.47 -13.59 -21.55
N ARG A 202 -18.77 -14.65 -22.29
CA ARG A 202 -17.83 -15.75 -22.44
C ARG A 202 -16.69 -15.30 -23.35
N SER A 203 -16.91 -14.26 -24.17
CA SER A 203 -15.84 -13.67 -24.96
C SER A 203 -14.88 -12.93 -24.04
N TYR A 204 -13.61 -13.35 -24.06
CA TYR A 204 -12.57 -12.73 -23.25
C TYR A 204 -12.46 -11.23 -23.50
N ASP A 205 -12.59 -10.83 -24.77
CA ASP A 205 -12.39 -9.44 -25.17
C ASP A 205 -13.60 -8.58 -24.78
N LEU A 206 -14.81 -9.05 -25.09
CA LEU A 206 -16.00 -8.25 -24.79
C LEU A 206 -16.19 -8.07 -23.28
N ASN A 207 -15.81 -9.09 -22.50
CA ASN A 207 -15.96 -9.00 -21.06
C ASN A 207 -15.02 -7.93 -20.52
N ALA A 208 -13.78 -7.94 -21.00
CA ALA A 208 -12.83 -6.90 -20.66
C ALA A 208 -13.43 -5.55 -21.02
N LEU A 209 -14.07 -5.44 -22.18
CA LEU A 209 -14.56 -4.15 -22.62
C LEU A 209 -15.64 -3.67 -21.67
N VAL A 210 -16.54 -4.58 -21.24
CA VAL A 210 -17.69 -4.19 -20.43
C VAL A 210 -17.25 -3.96 -18.97
N ILE A 211 -16.34 -4.80 -18.45
CA ILE A 211 -15.76 -4.63 -17.14
C ILE A 211 -15.09 -3.26 -16.99
N ILE A 212 -14.30 -2.86 -17.99
CA ILE A 212 -13.68 -1.55 -17.99
C ILE A 212 -14.73 -0.45 -18.07
N SER A 213 -15.77 -0.64 -18.89
CA SER A 213 -16.79 0.40 -19.02
C SER A 213 -17.51 0.59 -17.68
N MET A 214 -17.75 -0.51 -16.96
CA MET A 214 -18.46 -0.45 -15.69
C MET A 214 -17.60 0.31 -14.66
N SER A 215 -16.28 0.10 -14.72
CA SER A 215 -15.38 0.77 -13.79
C SER A 215 -15.40 2.28 -14.01
N CYS A 216 -15.54 2.73 -15.27
CA CYS A 216 -15.59 4.17 -15.55
C CYS A 216 -16.97 4.76 -15.31
N ALA A 217 -17.99 3.91 -15.30
CA ALA A 217 -19.35 4.39 -15.17
C ALA A 217 -19.95 3.99 -13.81
N LEU A 218 -19.08 3.54 -12.89
CA LEU A 218 -19.49 2.82 -11.70
C LEU A 218 -20.54 3.60 -10.93
N ASP A 219 -20.39 4.92 -10.82
CA ASP A 219 -21.32 5.71 -10.01
C ASP A 219 -22.71 5.69 -10.63
N TYR A 220 -22.84 5.39 -11.92
CA TYR A 220 -24.13 5.45 -12.59
C TYR A 220 -24.79 4.06 -12.64
N VAL A 221 -24.04 3.01 -12.28
CA VAL A 221 -24.54 1.65 -12.22
C VAL A 221 -25.27 1.41 -10.90
N GLU A 222 -26.57 1.09 -10.96
CA GLU A 222 -27.38 0.86 -9.78
C GLU A 222 -27.05 -0.50 -9.17
N ASP A 223 -27.34 -0.64 -7.87
CA ASP A 223 -27.09 -1.87 -7.13
C ASP A 223 -27.92 -3.04 -7.65
N ASP A 224 -29.14 -2.79 -8.14
CA ASP A 224 -29.97 -3.88 -8.62
C ASP A 224 -29.41 -4.42 -9.93
N THR A 225 -28.80 -3.55 -10.73
CA THR A 225 -28.18 -3.98 -11.99
C THR A 225 -27.11 -5.01 -11.68
N ILE A 226 -26.24 -4.65 -10.74
CA ILE A 226 -25.14 -5.51 -10.37
C ILE A 226 -25.68 -6.81 -9.78
N LYS A 227 -26.66 -6.69 -8.89
CA LYS A 227 -27.24 -7.85 -8.23
C LYS A 227 -27.83 -8.79 -9.27
N LYS A 228 -28.66 -8.24 -10.16
CA LYS A 228 -29.25 -9.02 -11.24
C LYS A 228 -28.16 -9.63 -12.12
N ILE A 229 -27.04 -8.92 -12.33
CA ILE A 229 -26.01 -9.49 -13.18
C ILE A 229 -25.41 -10.70 -12.47
N LEU A 230 -25.14 -10.59 -11.16
CA LEU A 230 -24.44 -11.63 -10.44
C LEU A 230 -25.31 -12.88 -10.29
N TYR A 231 -26.64 -12.74 -10.49
CA TYR A 231 -27.54 -13.87 -10.40
C TYR A 231 -27.35 -14.74 -11.64
N CYS A 232 -26.66 -14.17 -12.63
CA CYS A 232 -26.56 -14.73 -13.97
C CYS A 232 -25.11 -15.07 -14.31
N PHE A 233 -24.20 -14.08 -14.15
CA PHE A 233 -22.79 -14.23 -14.45
C PHE A 233 -21.99 -13.38 -13.48
N ASN A 234 -21.12 -14.05 -12.73
CA ASN A 234 -20.25 -13.41 -11.77
C ASN A 234 -18.92 -12.99 -12.42
N TYR A 235 -18.75 -11.68 -12.67
CA TYR A 235 -17.60 -11.15 -13.37
C TYR A 235 -16.48 -10.73 -12.40
N THR A 236 -16.53 -11.21 -11.16
CA THR A 236 -15.57 -10.84 -10.13
C THR A 236 -14.18 -11.38 -10.43
N ARG A 237 -14.09 -12.67 -10.76
CA ARG A 237 -12.81 -13.31 -11.01
C ARG A 237 -12.13 -12.66 -12.23
N ALA A 238 -12.95 -12.21 -13.19
CA ALA A 238 -12.45 -11.61 -14.42
C ALA A 238 -11.88 -10.23 -14.14
N ILE A 239 -12.33 -9.52 -13.09
CA ILE A 239 -11.74 -8.23 -12.80
C ILE A 239 -10.31 -8.42 -12.33
N ILE A 240 -10.11 -9.38 -11.42
CA ILE A 240 -8.77 -9.67 -10.91
C ILE A 240 -7.88 -10.15 -12.06
N ASP A 241 -8.44 -10.99 -12.95
CA ASP A 241 -7.71 -11.51 -14.10
C ASP A 241 -7.25 -10.37 -15.01
N LEU A 242 -8.14 -9.38 -15.22
CA LEU A 242 -7.89 -8.29 -16.15
C LEU A 242 -6.78 -7.38 -15.62
N ILE A 243 -6.72 -7.18 -14.30
CA ILE A 243 -5.73 -6.31 -13.71
C ILE A 243 -4.36 -6.99 -13.74
N TYR A 244 -4.28 -8.24 -13.24
CA TYR A 244 -3.01 -8.83 -12.86
C TYR A 244 -2.46 -9.80 -13.89
N TYR A 245 -3.31 -10.54 -14.63
CA TYR A 245 -2.85 -11.62 -15.49
C TYR A 245 -2.97 -11.27 -16.97
N SER A 246 -4.02 -10.51 -17.31
CA SER A 246 -4.42 -10.31 -18.70
C SER A 246 -3.33 -9.61 -19.49
N PRO A 247 -3.19 -9.89 -20.80
CA PRO A 247 -2.32 -9.09 -21.66
C PRO A 247 -2.91 -7.70 -21.89
N TYR A 248 -4.15 -7.47 -21.48
CA TYR A 248 -4.72 -6.14 -21.57
C TYR A 248 -4.39 -5.34 -20.31
N GLY A 249 -3.75 -6.00 -19.34
CA GLY A 249 -3.40 -5.37 -18.05
C GLY A 249 -1.92 -5.56 -17.71
N LEU A 250 -1.62 -6.00 -16.50
CA LEU A 250 -0.24 -6.08 -16.06
C LEU A 250 0.45 -7.34 -16.57
N ASN A 251 -0.35 -8.25 -17.11
CA ASN A 251 0.18 -9.38 -17.85
C ASN A 251 1.15 -10.22 -17.01
N ASP A 252 0.88 -10.43 -15.73
CA ASP A 252 1.74 -11.23 -14.88
C ASP A 252 3.12 -10.57 -14.73
N SER A 253 3.17 -9.26 -15.03
CA SER A 253 4.37 -8.43 -14.97
C SER A 253 5.28 -8.60 -16.18
N ASP A 254 4.93 -9.50 -17.09
CA ASP A 254 5.75 -9.74 -18.27
C ASP A 254 5.51 -8.61 -19.28
N ILE A 255 6.00 -7.42 -18.93
CA ILE A 255 5.94 -6.22 -19.75
C ILE A 255 7.37 -5.74 -19.85
N PRO A 256 7.94 -5.68 -21.08
CA PRO A 256 9.33 -5.30 -21.27
C PRO A 256 9.60 -3.90 -20.66
N LEU A 257 8.64 -2.98 -20.91
CA LEU A 257 8.82 -1.58 -20.55
C LEU A 257 9.21 -1.42 -19.08
N LEU A 258 8.70 -2.28 -18.19
CA LEU A 258 8.99 -2.13 -16.78
C LEU A 258 10.48 -2.33 -16.51
N SER A 259 11.19 -3.00 -17.42
CA SER A 259 12.56 -3.38 -17.13
C SER A 259 13.55 -2.41 -17.77
N ASP A 260 13.02 -1.31 -18.31
CA ASP A 260 13.74 -0.41 -19.19
C ASP A 260 14.21 0.78 -18.37
N SER A 261 15.53 1.00 -18.33
CA SER A 261 16.09 2.03 -17.46
C SER A 261 15.81 3.45 -17.96
N SER A 262 15.35 3.63 -19.22
CA SER A 262 15.09 4.97 -19.74
C SER A 262 13.86 4.98 -20.66
N VAL A 263 12.69 5.22 -20.06
CA VAL A 263 11.41 5.08 -20.73
C VAL A 263 11.02 6.38 -21.43
N ASN A 264 10.88 6.31 -22.75
CA ASN A 264 10.30 7.38 -23.55
C ASN A 264 8.82 7.48 -23.20
N SER A 265 8.26 8.70 -23.20
CA SER A 265 6.83 8.89 -23.01
C SER A 265 6.00 8.34 -24.18
N GLN A 266 6.61 8.17 -25.35
CA GLN A 266 5.90 7.61 -26.49
C GLN A 266 5.72 6.10 -26.28
N SER A 267 6.72 5.45 -25.65
CA SER A 267 6.71 4.01 -25.44
C SER A 267 5.69 3.63 -24.37
N PHE A 268 5.54 4.55 -23.40
CA PHE A 268 4.59 4.45 -22.31
C PHE A 268 3.17 4.64 -22.85
N ASP A 269 2.95 5.65 -23.71
CA ASP A 269 1.64 5.85 -24.32
C ASP A 269 1.25 4.65 -25.19
N GLN A 270 2.24 4.03 -25.82
CA GLN A 270 2.02 2.85 -26.66
C GLN A 270 1.65 1.68 -25.76
N LEU A 271 2.23 1.63 -24.54
CA LEU A 271 1.89 0.59 -23.56
C LEU A 271 0.43 0.75 -23.10
N LEU A 272 0.02 1.96 -22.76
CA LEU A 272 -1.32 2.21 -22.29
C LEU A 272 -2.36 1.91 -23.37
N ASN A 273 -2.00 2.00 -24.65
CA ASN A 273 -2.97 1.74 -25.71
C ASN A 273 -3.08 0.24 -25.95
N ASN A 274 -1.95 -0.48 -25.88
CA ASN A 274 -1.95 -1.93 -26.02
C ASN A 274 -2.49 -2.62 -24.77
N ASN A 275 -2.52 -1.96 -23.61
CA ASN A 275 -2.93 -2.59 -22.37
C ASN A 275 -3.91 -1.66 -21.64
N PRO A 276 -5.15 -1.45 -22.16
CA PRO A 276 -6.02 -0.36 -21.73
C PRO A 276 -6.45 -0.46 -20.28
N ALA A 277 -6.37 -1.66 -19.70
CA ALA A 277 -6.72 -1.84 -18.31
C ALA A 277 -5.76 -1.04 -17.42
N LEU A 278 -4.51 -0.85 -17.91
CA LEU A 278 -3.51 -0.14 -17.14
C LEU A 278 -3.93 1.32 -16.95
N LYS A 279 -4.89 1.83 -17.75
CA LYS A 279 -5.38 3.18 -17.50
C LYS A 279 -6.42 3.22 -16.38
N HIS A 280 -6.81 2.06 -15.80
CA HIS A 280 -7.96 2.05 -14.91
C HIS A 280 -7.80 1.08 -13.74
N LEU A 281 -6.57 0.87 -13.26
CA LEU A 281 -6.36 -0.06 -12.16
C LEU A 281 -7.16 0.36 -10.92
N ASN A 282 -7.26 1.67 -10.67
CA ASN A 282 -7.92 2.11 -9.45
C ASN A 282 -9.42 1.86 -9.59
N ARG A 283 -10.00 2.37 -10.68
CA ARG A 283 -11.44 2.27 -10.89
C ARG A 283 -11.88 0.80 -10.87
N LEU A 284 -11.04 -0.07 -11.45
CA LEU A 284 -11.29 -1.51 -11.49
C LEU A 284 -11.28 -2.06 -10.06
N SER A 285 -10.36 -1.60 -9.23
CA SER A 285 -10.35 -2.08 -7.85
C SER A 285 -11.66 -1.70 -7.17
N PHE A 286 -12.20 -0.52 -7.47
CA PHE A 286 -13.43 -0.03 -6.87
C PHE A 286 -14.63 -0.84 -7.39
N LEU A 287 -14.62 -1.14 -8.70
CA LEU A 287 -15.64 -2.03 -9.23
C LEU A 287 -15.61 -3.33 -8.44
N PHE A 288 -14.42 -3.88 -8.21
CA PHE A 288 -14.32 -5.10 -7.42
C PHE A 288 -14.89 -4.89 -6.02
N GLU A 289 -14.51 -3.79 -5.39
CA GLU A 289 -14.90 -3.58 -4.01
C GLU A 289 -16.42 -3.59 -3.91
N ARG A 290 -17.06 -2.87 -4.83
CA ARG A 290 -18.49 -2.70 -4.75
C ARG A 290 -19.21 -4.00 -5.13
N THR A 291 -18.60 -4.77 -6.03
CA THR A 291 -19.22 -5.97 -6.56
C THR A 291 -19.18 -7.07 -5.51
N VAL A 292 -18.02 -7.23 -4.86
CA VAL A 292 -17.88 -8.39 -4.00
C VAL A 292 -18.81 -8.27 -2.78
N LYS A 293 -19.29 -7.05 -2.49
CA LYS A 293 -20.17 -6.77 -1.38
C LYS A 293 -21.62 -7.13 -1.69
N LEU A 294 -22.00 -7.12 -2.97
CA LEU A 294 -23.36 -7.44 -3.40
C LEU A 294 -23.50 -8.90 -3.82
N ASN A 295 -22.43 -9.68 -3.70
CA ASN A 295 -22.40 -11.07 -4.12
C ASN A 295 -23.08 -11.96 -3.07
N ASP A 296 -24.07 -12.73 -3.46
CA ASP A 296 -24.63 -13.70 -2.55
C ASP A 296 -24.21 -15.10 -3.02
N GLY A 297 -23.04 -15.56 -2.60
CA GLY A 297 -22.64 -16.92 -2.90
C GLY A 297 -22.24 -17.67 -1.63
N SER A 298 -22.08 -18.97 -1.77
CA SER A 298 -21.75 -19.82 -0.64
C SER A 298 -20.37 -19.47 -0.12
N ILE A 299 -20.13 -19.85 1.13
CA ILE A 299 -18.90 -19.53 1.81
C ILE A 299 -17.73 -20.26 1.17
N GLN A 300 -17.90 -21.55 0.88
CA GLN A 300 -16.87 -22.35 0.22
C GLN A 300 -16.41 -21.68 -1.07
N SER A 301 -17.37 -21.21 -1.87
CA SER A 301 -17.01 -20.63 -3.14
C SER A 301 -16.49 -19.20 -2.96
N ASN A 302 -16.94 -18.47 -1.95
CA ASN A 302 -16.37 -17.14 -1.72
C ASN A 302 -14.90 -17.30 -1.32
N LEU A 303 -14.60 -18.35 -0.51
CA LEU A 303 -13.26 -18.53 0.04
C LEU A 303 -12.35 -19.09 -1.04
N ASN A 304 -12.94 -19.69 -2.06
CA ASN A 304 -12.17 -20.25 -3.15
C ASN A 304 -11.85 -19.14 -4.14
N ASP A 305 -12.77 -18.18 -4.33
CA ASP A 305 -12.55 -17.00 -5.15
C ASP A 305 -11.38 -16.17 -4.56
N ILE A 306 -11.29 -16.14 -3.23
CA ILE A 306 -10.26 -15.36 -2.56
C ILE A 306 -8.92 -16.03 -2.82
N ASP A 307 -8.84 -17.35 -2.68
CA ASP A 307 -7.58 -18.05 -2.94
C ASP A 307 -7.10 -17.79 -4.37
N ILE A 308 -8.02 -17.90 -5.34
CA ILE A 308 -7.63 -17.69 -6.72
C ILE A 308 -7.14 -16.25 -6.93
N SER A 309 -7.89 -15.27 -6.42
CA SER A 309 -7.47 -13.89 -6.55
C SER A 309 -6.08 -13.66 -5.95
N LEU A 310 -5.88 -14.20 -4.74
CA LEU A 310 -4.61 -14.00 -4.04
C LEU A 310 -3.47 -14.71 -4.76
N ASN A 311 -3.71 -15.82 -5.44
CA ASN A 311 -2.63 -16.55 -6.08
C ASN A 311 -2.16 -15.78 -7.30
N LYS A 312 -3.09 -15.12 -7.99
CA LYS A 312 -2.80 -14.33 -9.17
C LYS A 312 -2.01 -13.09 -8.79
N MET A 313 -2.47 -12.39 -7.75
CA MET A 313 -1.79 -11.22 -7.22
C MET A 313 -0.39 -11.54 -6.70
N GLN A 314 -0.20 -12.72 -6.09
CA GLN A 314 1.09 -13.11 -5.57
C GLN A 314 2.02 -13.42 -6.74
N SER A 315 1.44 -13.99 -7.78
CA SER A 315 2.22 -14.43 -8.93
C SER A 315 2.79 -13.21 -9.63
N PHE A 316 1.93 -12.21 -9.88
CA PHE A 316 2.31 -10.92 -10.43
C PHE A 316 3.39 -10.24 -9.58
N SER A 317 3.12 -10.18 -8.29
CA SER A 317 4.00 -9.48 -7.41
C SER A 317 5.36 -10.17 -7.35
N GLU A 318 5.45 -11.51 -7.36
CA GLU A 318 6.73 -12.21 -7.24
C GLU A 318 7.57 -12.04 -8.50
N LYS A 319 6.88 -12.14 -9.64
CA LYS A 319 7.48 -11.86 -10.92
C LYS A 319 7.88 -10.37 -10.99
N LEU A 320 7.07 -9.46 -10.45
CA LEU A 320 7.35 -8.05 -10.66
C LEU A 320 8.71 -7.74 -10.05
N SER A 321 9.01 -8.40 -8.93
CA SER A 321 10.24 -8.15 -8.19
C SER A 321 11.49 -8.65 -8.94
N LYS A 322 11.35 -9.59 -9.89
CA LYS A 322 12.48 -10.07 -10.70
C LYS A 322 12.67 -9.17 -11.94
N LYS A 323 11.78 -8.17 -12.10
CA LYS A 323 11.76 -7.32 -13.28
C LYS A 323 12.57 -6.04 -13.03
N ILE A 324 12.53 -5.54 -11.79
CA ILE A 324 13.00 -4.21 -11.46
C ILE A 324 14.05 -4.30 -10.37
N SER A 325 15.05 -3.41 -10.46
CA SER A 325 15.89 -3.17 -9.31
C SER A 325 15.85 -1.70 -8.88
N VAL A 326 15.52 -0.77 -9.79
CA VAL A 326 15.56 0.66 -9.45
C VAL A 326 14.45 1.40 -10.19
N LEU A 327 13.66 2.23 -9.48
CA LEU A 327 12.76 3.19 -10.12
C LEU A 327 13.41 4.56 -10.18
N ASP A 328 12.91 5.46 -11.06
CA ASP A 328 13.35 6.84 -11.09
C ASP A 328 12.48 7.66 -10.14
N ASP A 329 12.95 8.86 -9.77
CA ASP A 329 12.55 9.52 -8.54
C ASP A 329 11.13 10.09 -8.66
N ASP A 330 10.76 10.66 -9.81
CA ASP A 330 9.39 11.15 -10.02
C ASP A 330 8.45 9.94 -10.08
N SER A 331 7.39 9.97 -9.26
CA SER A 331 6.36 8.94 -9.27
C SER A 331 5.00 9.53 -9.65
N SER A 332 5.00 10.69 -10.31
CA SER A 332 3.78 11.37 -10.74
C SER A 332 3.53 11.11 -12.23
N LYS A 333 4.43 10.35 -12.86
CA LYS A 333 4.32 10.03 -14.28
C LYS A 333 4.90 8.63 -14.54
N GLY A 334 4.41 8.03 -15.64
CA GLY A 334 4.97 6.80 -16.19
C GLY A 334 5.01 5.65 -15.18
N VAL A 335 6.14 4.92 -15.15
CA VAL A 335 6.22 3.63 -14.48
C VAL A 335 6.03 3.80 -12.98
N GLY A 336 6.42 4.97 -12.45
CA GLY A 336 6.27 5.25 -11.04
C GLY A 336 4.80 5.43 -10.67
N GLN A 337 4.08 6.26 -11.42
CA GLN A 337 2.65 6.49 -11.20
C GLN A 337 1.93 5.14 -11.36
N LEU A 338 2.28 4.36 -12.38
CA LEU A 338 1.61 3.10 -12.64
C LEU A 338 1.81 2.12 -11.48
N LEU A 339 3.04 1.96 -11.00
CA LEU A 339 3.31 0.96 -9.98
C LEU A 339 2.70 1.41 -8.66
N ARG A 340 2.56 2.73 -8.48
CA ARG A 340 1.87 3.27 -7.33
C ARG A 340 0.38 2.90 -7.40
N GLN A 341 -0.25 3.24 -8.53
CA GLN A 341 -1.66 2.92 -8.77
C GLN A 341 -1.93 1.42 -8.61
N CYS A 342 -1.00 0.60 -9.07
CA CYS A 342 -1.08 -0.83 -8.90
C CYS A 342 -1.11 -1.22 -7.42
N LEU A 343 -0.33 -0.57 -6.57
CA LEU A 343 -0.32 -0.93 -5.16
C LEU A 343 -1.61 -0.47 -4.46
N TYR A 344 -2.10 0.73 -4.75
CA TYR A 344 -3.38 1.17 -4.19
C TYR A 344 -4.46 0.14 -4.55
N ALA A 345 -4.49 -0.26 -5.83
CA ALA A 345 -5.50 -1.20 -6.26
C ALA A 345 -5.37 -2.50 -5.48
N SER A 346 -4.17 -3.04 -5.35
CA SER A 346 -4.02 -4.31 -4.64
C SER A 346 -4.49 -4.19 -3.19
N ILE A 347 -4.32 -3.00 -2.62
CA ILE A 347 -4.67 -2.77 -1.22
C ILE A 347 -6.20 -2.66 -1.06
N ILE A 348 -6.85 -1.79 -1.84
CA ILE A 348 -8.30 -1.74 -1.90
C ILE A 348 -8.86 -3.16 -2.08
N ILE A 349 -8.25 -3.92 -2.97
CA ILE A 349 -8.72 -5.29 -3.18
C ILE A 349 -8.58 -6.10 -1.90
N HIS A 350 -7.44 -6.02 -1.21
CA HIS A 350 -7.25 -6.80 0.01
C HIS A 350 -8.24 -6.37 1.09
N GLN A 351 -8.54 -5.07 1.14
CA GLN A 351 -9.41 -4.53 2.16
C GLN A 351 -10.82 -5.09 1.96
N ALA A 352 -11.27 -5.14 0.69
CA ALA A 352 -12.59 -5.65 0.37
C ALA A 352 -12.66 -7.14 0.71
N ILE A 353 -11.60 -7.88 0.39
CA ILE A 353 -11.55 -9.29 0.72
C ILE A 353 -11.65 -9.44 2.24
N LEU A 354 -10.95 -8.61 3.01
CA LEU A 354 -10.91 -8.79 4.45
C LEU A 354 -12.23 -8.35 5.08
N THR A 355 -12.77 -7.18 4.70
CA THR A 355 -14.01 -6.72 5.29
C THR A 355 -15.14 -7.68 4.94
N THR A 356 -15.28 -8.11 3.69
CA THR A 356 -16.35 -9.06 3.41
C THR A 356 -16.09 -10.38 4.16
N PHE A 357 -14.84 -10.81 4.35
CA PHE A 357 -14.64 -12.03 5.13
C PHE A 357 -15.03 -11.83 6.62
N PHE A 358 -14.99 -10.58 7.11
CA PHE A 358 -15.34 -10.28 8.50
C PHE A 358 -16.86 -10.17 8.69
N GLN A 359 -17.63 -10.07 7.60
CA GLN A 359 -19.09 -10.06 7.68
C GLN A 359 -19.57 -11.33 8.38
N LEU A 360 -18.84 -12.43 8.19
CA LEU A 360 -19.16 -13.71 8.83
C LEU A 360 -19.37 -13.55 10.35
N ASP A 361 -18.64 -12.66 11.00
CA ASP A 361 -18.87 -12.33 12.41
C ASP A 361 -18.71 -13.56 13.32
N ASN A 362 -17.65 -14.34 13.14
CA ASN A 362 -17.48 -15.62 13.79
C ASN A 362 -15.99 -15.94 13.77
N ALA A 363 -15.39 -15.97 14.94
CA ALA A 363 -13.95 -15.97 15.03
C ALA A 363 -13.39 -17.35 14.75
N ASP A 364 -14.22 -18.40 14.80
CA ASP A 364 -13.72 -19.73 14.48
C ASP A 364 -13.21 -19.76 13.05
N TYR A 365 -13.76 -18.86 12.21
CA TYR A 365 -13.54 -18.80 10.77
C TYR A 365 -12.24 -18.04 10.55
N THR A 366 -12.12 -16.92 11.26
CA THR A 366 -10.87 -16.19 11.35
C THR A 366 -9.73 -17.13 11.74
N LYS A 367 -9.84 -17.87 12.84
CA LYS A 367 -8.80 -18.80 13.27
C LYS A 367 -8.45 -19.82 12.17
N TYR A 368 -9.48 -20.40 11.55
CA TYR A 368 -9.27 -21.50 10.62
C TYR A 368 -8.66 -21.02 9.30
N PHE A 369 -9.02 -19.81 8.85
CA PHE A 369 -8.88 -19.43 7.44
C PHE A 369 -7.94 -18.24 7.25
N LEU A 370 -7.93 -17.26 8.16
CA LEU A 370 -7.15 -16.04 7.96
C LEU A 370 -5.65 -16.30 7.85
N PRO A 371 -5.01 -17.19 8.66
CA PRO A 371 -3.59 -17.47 8.50
C PRO A 371 -3.15 -17.72 7.06
N SER A 372 -3.91 -18.53 6.33
CA SER A 372 -3.57 -18.88 4.97
C SER A 372 -3.73 -17.68 4.08
N PHE A 373 -4.78 -16.88 4.30
CA PHE A 373 -4.91 -15.67 3.49
C PHE A 373 -3.79 -14.68 3.79
N SER A 374 -3.35 -14.65 5.05
CA SER A 374 -2.34 -13.75 5.54
C SER A 374 -0.95 -14.08 4.96
N ARG A 375 -0.62 -15.38 4.87
CA ARG A 375 0.62 -15.83 4.26
C ARG A 375 0.72 -15.24 2.85
N LYS A 376 -0.40 -15.27 2.13
CA LYS A 376 -0.45 -14.80 0.76
C LYS A 376 -0.41 -13.28 0.73
N ILE A 377 -1.19 -12.62 1.57
CA ILE A 377 -1.28 -11.17 1.52
C ILE A 377 0.06 -10.54 1.95
N LEU A 378 0.70 -11.12 2.98
CA LEU A 378 1.96 -10.59 3.45
C LEU A 378 3.03 -10.84 2.39
N SER A 379 2.95 -11.98 1.70
CA SER A 379 3.87 -12.27 0.63
C SER A 379 3.72 -11.26 -0.49
N ILE A 380 2.51 -10.78 -0.75
CA ILE A 380 2.29 -9.76 -1.77
C ILE A 380 2.88 -8.45 -1.28
N LEU A 381 2.66 -8.09 -0.03
CA LEU A 381 3.16 -6.79 0.43
C LEU A 381 4.69 -6.77 0.49
N PHE A 382 5.32 -7.91 0.83
CA PHE A 382 6.76 -8.09 0.82
C PHE A 382 7.29 -7.75 -0.56
N ASN A 383 6.74 -8.40 -1.59
CA ASN A 383 7.21 -8.22 -2.96
C ASN A 383 6.92 -6.81 -3.48
N LEU A 384 5.95 -6.07 -2.93
CA LEU A 384 5.60 -4.75 -3.45
C LEU A 384 6.11 -3.65 -2.50
N PHE A 385 6.89 -4.05 -1.49
CA PHE A 385 7.22 -3.12 -0.42
C PHE A 385 7.96 -1.91 -1.02
N PHE A 386 8.84 -2.14 -2.01
CA PHE A 386 9.61 -1.05 -2.60
C PHE A 386 8.69 0.11 -3.05
N ILE A 387 7.46 -0.17 -3.48
CA ILE A 387 6.57 0.88 -3.94
C ILE A 387 6.04 1.66 -2.74
N VAL A 388 5.74 0.88 -1.68
CA VAL A 388 5.13 1.34 -0.45
C VAL A 388 6.09 2.30 0.22
N ASP A 389 7.37 1.89 0.27
CA ASP A 389 8.44 2.65 0.86
C ASP A 389 8.46 4.09 0.31
N ARG A 390 8.00 4.28 -0.93
CA ARG A 390 8.09 5.59 -1.58
C ARG A 390 6.85 6.45 -1.34
N ILE A 391 5.81 5.88 -0.74
CA ILE A 391 4.70 6.67 -0.22
C ILE A 391 4.98 7.03 1.25
N GLY A 392 5.24 5.98 2.06
CA GLY A 392 5.25 6.03 3.52
C GLY A 392 4.06 5.23 4.10
N THR A 393 4.36 4.28 5.01
CA THR A 393 3.34 3.44 5.65
C THR A 393 2.32 4.30 6.38
N GLY A 394 2.83 5.17 7.27
CA GLY A 394 2.01 6.00 8.15
C GLY A 394 1.20 7.03 7.37
N GLY A 395 -0.06 7.18 7.78
CA GLY A 395 -0.98 8.10 7.13
C GLY A 395 -2.00 7.37 6.27
N PHE A 396 -1.60 6.21 5.70
CA PHE A 396 -2.35 5.52 4.66
C PHE A 396 -3.17 4.37 5.29
N GLN A 397 -4.39 4.72 5.72
CA GLN A 397 -5.21 3.86 6.56
C GLN A 397 -5.33 2.45 5.93
N PRO A 398 -5.75 2.31 4.64
CA PRO A 398 -6.03 0.99 4.08
C PRO A 398 -4.84 0.05 4.18
N TYR A 399 -3.65 0.58 3.90
CA TYR A 399 -2.46 -0.26 3.94
C TYR A 399 -2.30 -0.81 5.35
N ASN A 400 -2.35 0.06 6.35
CA ASN A 400 -2.16 -0.35 7.74
C ASN A 400 -3.28 -1.32 8.15
N PHE A 401 -4.50 -1.05 7.71
CA PHE A 401 -5.58 -1.96 8.04
C PHE A 401 -5.26 -3.37 7.56
N VAL A 402 -4.73 -3.46 6.32
CA VAL A 402 -4.53 -4.75 5.72
C VAL A 402 -3.36 -5.46 6.39
N TYR A 403 -2.26 -4.72 6.54
CA TYR A 403 -1.04 -5.27 7.13
C TYR A 403 -1.32 -5.75 8.55
N LEU A 404 -1.93 -4.90 9.36
CA LEU A 404 -2.07 -5.20 10.79
C LEU A 404 -3.06 -6.35 10.98
N THR A 405 -4.16 -6.32 10.22
CA THR A 405 -5.14 -7.39 10.30
C THR A 405 -4.41 -8.71 10.03
N CYS A 406 -3.49 -8.74 9.06
CA CYS A 406 -2.91 -10.01 8.66
C CYS A 406 -1.88 -10.47 9.70
N LEU A 407 -1.11 -9.50 10.19
CA LEU A 407 -0.10 -9.79 11.19
C LEU A 407 -0.77 -10.24 12.50
N GLN A 408 -1.72 -9.44 12.99
CA GLN A 408 -2.43 -9.81 14.23
C GLN A 408 -3.08 -11.20 14.07
N GLY A 409 -3.63 -11.45 12.88
CA GLY A 409 -4.19 -12.74 12.55
C GLY A 409 -3.20 -13.87 12.77
N ILE A 410 -2.01 -13.80 12.14
CA ILE A 410 -1.09 -14.94 12.19
C ILE A 410 -0.47 -15.06 13.58
N ILE A 411 -0.35 -13.94 14.30
CA ILE A 411 0.27 -13.96 15.61
C ILE A 411 -0.68 -14.62 16.59
N GLN A 412 -1.95 -14.20 16.54
CA GLN A 412 -2.98 -14.75 17.40
C GLN A 412 -3.24 -16.26 17.15
N TYR A 413 -3.31 -16.73 15.91
CA TYR A 413 -3.82 -18.07 15.65
C TYR A 413 -2.81 -19.04 15.04
N ASP A 414 -1.73 -18.56 14.38
CA ASP A 414 -0.75 -19.43 13.74
C ASP A 414 0.63 -18.79 13.68
N MET A 415 1.43 -19.02 14.72
CA MET A 415 2.75 -18.42 14.82
C MET A 415 3.69 -19.16 13.84
N LYS A 416 3.43 -20.44 13.53
CA LYS A 416 4.25 -21.18 12.58
C LYS A 416 4.19 -20.58 11.18
N THR A 417 3.10 -19.87 10.84
CA THR A 417 3.01 -19.22 9.54
C THR A 417 3.97 -18.04 9.52
N ALA A 418 3.88 -17.16 10.52
CA ALA A 418 4.80 -16.03 10.64
C ALA A 418 6.27 -16.47 10.59
N GLU A 419 6.64 -17.52 11.33
CA GLU A 419 8.00 -18.01 11.31
C GLU A 419 8.39 -18.48 9.91
N SER A 420 7.50 -19.20 9.22
CA SER A 420 7.77 -19.62 7.85
C SER A 420 7.95 -18.41 6.93
N LEU A 421 7.07 -17.43 7.03
CA LEU A 421 7.21 -16.23 6.23
C LEU A 421 8.61 -15.65 6.38
N VAL A 422 9.05 -15.50 7.64
CA VAL A 422 10.35 -14.93 7.92
C VAL A 422 11.46 -15.80 7.29
N LYS A 423 11.38 -17.13 7.47
CA LYS A 423 12.37 -18.05 6.95
C LYS A 423 12.47 -17.91 5.43
N THR A 424 11.31 -17.86 4.76
CA THR A 424 11.22 -17.73 3.31
C THR A 424 11.77 -16.37 2.85
N PHE A 425 11.34 -15.29 3.53
CA PHE A 425 11.79 -13.96 3.21
C PHE A 425 13.32 -13.83 3.29
N THR A 426 13.97 -14.48 4.27
CA THR A 426 15.42 -14.34 4.42
C THR A 426 16.16 -15.35 3.55
N THR A 427 15.51 -16.38 3.01
CA THR A 427 16.20 -17.25 2.07
C THR A 427 16.52 -16.47 0.80
N GLY A 428 15.56 -15.71 0.27
CA GLY A 428 15.75 -14.98 -0.98
C GLY A 428 16.15 -13.52 -0.78
N ILE A 429 17.42 -13.30 -0.37
CA ILE A 429 18.05 -11.98 -0.29
C ILE A 429 19.55 -12.21 -0.28
N ASN A 430 20.28 -11.26 -0.88
CA ASN A 430 21.73 -11.40 -1.05
C ASN A 430 22.40 -10.04 -1.24
N TYR A 431 23.65 -10.00 -0.79
CA TYR A 431 24.39 -8.77 -0.59
C TYR A 431 24.48 -8.01 -1.91
N SER A 432 24.80 -8.75 -2.98
CA SER A 432 24.85 -8.19 -4.32
C SER A 432 23.53 -7.52 -4.66
N SER A 433 22.40 -8.19 -4.43
CA SER A 433 21.12 -7.59 -4.73
C SER A 433 20.89 -6.36 -3.85
N LEU A 434 21.37 -6.39 -2.60
CA LEU A 434 21.14 -5.28 -1.68
C LEU A 434 21.80 -4.01 -2.16
N LYS A 435 22.99 -4.13 -2.77
CA LYS A 435 23.67 -3.00 -3.39
C LYS A 435 22.95 -2.52 -4.66
N ASP A 436 22.45 -3.46 -5.50
CA ASP A 436 21.96 -3.11 -6.82
C ASP A 436 20.54 -2.58 -6.76
N SER A 437 19.73 -3.20 -5.88
CA SER A 437 18.29 -3.23 -6.01
C SER A 437 17.62 -2.54 -4.82
N GLU A 438 16.78 -1.55 -5.12
CA GLU A 438 15.91 -0.94 -4.12
C GLU A 438 14.82 -1.95 -3.72
N VAL A 439 14.48 -2.87 -4.64
CA VAL A 439 13.53 -3.94 -4.38
C VAL A 439 14.06 -4.87 -3.28
N ALA A 440 15.32 -5.31 -3.41
CA ALA A 440 15.89 -6.21 -2.43
C ALA A 440 16.04 -5.54 -1.07
N ARG A 441 16.23 -4.21 -1.08
CA ARG A 441 16.43 -3.47 0.15
C ARG A 441 15.11 -3.28 0.89
N ALA A 442 14.05 -2.98 0.12
CA ALA A 442 12.71 -2.91 0.68
C ALA A 442 12.27 -4.28 1.18
N LYS A 443 12.69 -5.36 0.54
CA LYS A 443 12.39 -6.70 1.04
C LYS A 443 13.03 -6.91 2.40
N LEU A 444 14.33 -6.58 2.52
CA LEU A 444 15.01 -6.76 3.80
C LEU A 444 14.33 -5.90 4.86
N LEU A 445 13.97 -4.65 4.50
CA LEU A 445 13.28 -3.77 5.43
C LEU A 445 12.01 -4.44 5.93
N PHE A 446 11.17 -4.84 4.96
CA PHE A 446 9.92 -5.47 5.29
C PHE A 446 10.19 -6.65 6.21
N THR A 447 11.19 -7.46 5.88
CA THR A 447 11.48 -8.62 6.69
C THR A 447 11.87 -8.21 8.10
N LEU A 448 12.66 -7.14 8.26
CA LEU A 448 13.14 -6.80 9.59
C LEU A 448 12.00 -6.21 10.40
N ASN A 449 11.11 -5.46 9.75
CA ASN A 449 9.93 -4.93 10.40
C ASN A 449 9.06 -6.06 10.97
N LEU A 450 9.05 -7.20 10.28
CA LEU A 450 8.25 -8.34 10.71
C LEU A 450 8.95 -9.04 11.86
N MET A 451 10.27 -9.22 11.76
CA MET A 451 11.00 -9.85 12.85
C MET A 451 10.86 -9.00 14.12
N GLU A 452 10.77 -7.68 13.96
CA GLU A 452 10.64 -6.80 15.11
C GLU A 452 9.36 -7.21 15.83
N GLN A 453 8.33 -7.55 15.08
CA GLN A 453 7.01 -7.85 15.63
C GLN A 453 6.92 -9.22 16.27
N ILE A 454 7.84 -10.16 16.04
CA ILE A 454 7.68 -11.49 16.60
C ILE A 454 8.91 -12.04 17.33
N VAL A 455 10.02 -11.30 17.35
CA VAL A 455 11.27 -11.86 17.86
C VAL A 455 11.13 -12.24 19.33
N ASN A 456 10.26 -11.51 20.05
CA ASN A 456 10.08 -11.76 21.48
C ASN A 456 9.00 -12.80 21.78
N ILE A 457 8.32 -13.40 20.78
CA ILE A 457 7.27 -14.39 21.05
C ILE A 457 7.44 -15.63 20.18
N CYS A 458 8.39 -15.63 19.24
CA CYS A 458 8.54 -16.73 18.30
C CYS A 458 9.34 -17.84 18.99
N SER A 459 9.70 -18.90 18.25
CA SER A 459 10.47 -19.99 18.82
C SER A 459 11.94 -19.60 18.99
N ASP A 460 12.62 -20.38 19.83
CA ASP A 460 14.04 -20.23 20.06
C ASP A 460 14.81 -20.39 18.75
N ASP A 461 14.45 -21.42 17.98
CA ASP A 461 15.20 -21.76 16.78
C ASP A 461 15.25 -20.53 15.88
N LEU A 462 14.13 -19.81 15.74
CA LEU A 462 14.06 -18.68 14.83
C LEU A 462 14.71 -17.43 15.42
N ARG A 463 14.55 -17.17 16.71
CA ARG A 463 15.10 -15.96 17.32
C ARG A 463 16.62 -16.08 17.40
N LEU A 464 17.11 -17.25 17.83
CA LEU A 464 18.50 -17.40 18.20
C LEU A 464 19.36 -17.79 17.00
N GLU A 465 18.88 -18.74 16.19
CA GLU A 465 19.71 -19.29 15.14
C GLU A 465 19.49 -18.51 13.84
N LEU A 466 18.61 -17.49 13.80
CA LEU A 466 18.35 -16.76 12.57
C LEU A 466 18.19 -15.25 12.75
N ILE A 467 17.26 -14.78 13.59
CA ILE A 467 16.97 -13.35 13.65
C ILE A 467 18.12 -12.57 14.31
N VAL A 468 18.63 -13.08 15.43
CA VAL A 468 19.57 -12.34 16.23
C VAL A 468 20.93 -12.28 15.51
N PRO A 469 21.51 -13.42 15.05
CA PRO A 469 22.70 -13.38 14.19
C PRO A 469 22.62 -12.34 13.07
N LEU A 470 21.48 -12.28 12.38
CA LEU A 470 21.30 -11.34 11.29
C LEU A 470 21.39 -9.89 11.78
N VAL A 471 20.62 -9.50 12.79
CA VAL A 471 20.58 -8.09 13.13
C VAL A 471 21.87 -7.64 13.84
N GLU A 472 22.58 -8.57 14.50
CA GLU A 472 23.91 -8.32 15.02
C GLU A 472 24.86 -8.02 13.85
N ASP A 473 24.78 -8.83 12.78
CA ASP A 473 25.64 -8.62 11.63
C ASP A 473 25.33 -7.27 11.00
N LEU A 474 24.06 -6.93 10.80
CA LEU A 474 23.74 -5.64 10.22
C LEU A 474 24.32 -4.47 11.02
N VAL A 475 23.95 -4.31 12.31
CA VAL A 475 24.29 -3.10 13.05
C VAL A 475 25.81 -3.00 13.30
N ASN A 476 26.52 -4.13 13.30
CA ASN A 476 27.96 -4.10 13.52
C ASN A 476 28.70 -3.99 12.19
N ASN A 477 27.96 -4.11 11.07
CA ASN A 477 28.53 -3.94 9.74
C ASN A 477 29.54 -5.04 9.43
N LYS A 478 29.30 -6.26 9.95
CA LYS A 478 30.30 -7.31 9.90
C LYS A 478 30.48 -7.88 8.49
N ASN A 479 29.58 -7.57 7.56
CA ASN A 479 29.64 -8.16 6.22
C ASN A 479 30.27 -7.17 5.24
N ALA A 480 31.49 -7.48 4.75
CA ALA A 480 32.29 -6.55 3.95
C ALA A 480 31.78 -6.41 2.49
N CYS A 481 30.90 -7.32 2.06
CA CYS A 481 30.15 -7.21 0.83
C CYS A 481 29.34 -5.93 0.71
N VAL A 482 28.99 -5.33 1.85
CA VAL A 482 28.15 -4.14 1.88
C VAL A 482 28.66 -3.19 2.95
N ASP A 483 28.52 -1.89 2.73
CA ASP A 483 28.78 -0.94 3.80
C ASP A 483 27.42 -0.48 4.31
N ILE A 484 27.09 -0.88 5.53
CA ILE A 484 25.74 -0.68 6.01
C ILE A 484 25.48 0.79 6.36
N HIS A 485 26.54 1.61 6.40
CA HIS A 485 26.36 3.03 6.69
C HIS A 485 26.09 3.79 5.41
N ASN A 486 26.05 3.11 4.28
CA ASN A 486 25.67 3.81 3.07
C ASN A 486 24.28 4.38 3.26
N HIS A 487 23.98 5.52 2.64
CA HIS A 487 22.69 6.20 2.77
C HIS A 487 21.52 5.27 2.45
N VAL A 488 21.68 4.40 1.45
CA VAL A 488 20.55 3.61 1.01
C VAL A 488 20.15 2.57 2.06
N PHE A 489 20.98 2.35 3.10
CA PHE A 489 20.65 1.35 4.10
C PHE A 489 20.16 1.98 5.41
N LYS A 490 19.75 3.26 5.38
CA LYS A 490 19.34 3.94 6.59
C LYS A 490 18.22 3.14 7.27
N SER A 491 17.11 2.92 6.57
CA SER A 491 15.98 2.24 7.19
C SER A 491 16.32 0.82 7.64
N ILE A 492 17.16 0.11 6.89
CA ILE A 492 17.48 -1.26 7.25
C ILE A 492 18.20 -1.26 8.59
N PHE A 493 19.16 -0.34 8.71
CA PHE A 493 19.98 -0.24 9.89
C PHE A 493 19.16 0.16 11.13
N GLU A 494 18.25 1.12 10.94
CA GLU A 494 17.39 1.61 12.00
C GLU A 494 16.49 0.49 12.48
N SER A 495 16.06 -0.36 11.56
CA SER A 495 15.05 -1.35 11.85
C SER A 495 15.73 -2.55 12.51
N ALA A 496 16.94 -2.87 12.08
CA ALA A 496 17.73 -3.89 12.75
C ALA A 496 17.94 -3.55 14.22
N HIS A 497 18.09 -2.25 14.55
CA HIS A 497 18.27 -1.84 15.93
C HIS A 497 17.00 -2.14 16.73
N SER A 498 15.84 -1.80 16.16
CA SER A 498 14.53 -2.04 16.78
C SER A 498 14.32 -3.52 17.12
N VAL A 499 14.79 -4.42 16.25
CA VAL A 499 14.69 -5.85 16.48
C VAL A 499 15.48 -6.23 17.72
N ILE A 500 16.73 -5.76 17.83
CA ILE A 500 17.58 -6.11 18.96
C ILE A 500 16.88 -5.68 20.26
N LEU A 501 16.37 -4.45 20.27
CA LEU A 501 15.64 -3.87 21.41
C LEU A 501 14.47 -4.79 21.81
N LYS A 502 13.64 -5.23 20.85
CA LYS A 502 12.52 -6.06 21.20
C LYS A 502 13.05 -7.42 21.67
N PHE A 503 14.17 -7.87 21.10
CA PHE A 503 14.74 -9.15 21.47
C PHE A 503 14.98 -9.18 22.98
N PHE A 504 15.43 -8.07 23.56
CA PHE A 504 15.72 -8.04 24.98
C PHE A 504 14.47 -8.31 25.80
N THR A 505 13.29 -7.85 25.33
CA THR A 505 12.04 -8.03 26.06
C THR A 505 11.57 -9.48 26.03
N VAL A 506 12.34 -10.39 25.40
CA VAL A 506 11.95 -11.80 25.32
C VAL A 506 11.69 -12.35 26.74
N VAL A 507 12.46 -11.83 27.69
CA VAL A 507 12.49 -12.39 29.03
C VAL A 507 11.20 -12.06 29.80
N ASP A 508 10.41 -11.07 29.33
CA ASP A 508 9.14 -10.69 29.95
C ASP A 508 7.96 -11.50 29.39
N SER A 509 8.04 -11.87 28.11
CA SER A 509 7.00 -12.68 27.48
C SER A 509 6.91 -14.01 28.20
N SER A 510 5.81 -14.73 27.93
CA SER A 510 5.51 -15.98 28.60
C SER A 510 4.82 -16.92 27.62
N VAL A 511 5.55 -17.27 26.55
CA VAL A 511 5.11 -18.26 25.58
C VAL A 511 5.87 -19.55 25.87
N LYS A 512 5.30 -20.69 25.44
CA LYS A 512 5.86 -21.98 25.79
C LYS A 512 6.80 -22.42 24.66
N ASN A 513 7.60 -23.44 24.96
CA ASN A 513 8.62 -23.97 24.07
C ASN A 513 9.70 -22.92 23.83
N VAL A 514 10.04 -22.14 24.87
CA VAL A 514 11.14 -21.20 24.80
C VAL A 514 11.91 -21.29 26.11
N ASP A 515 13.15 -21.81 26.04
CA ASP A 515 13.94 -22.17 27.20
C ASP A 515 14.47 -20.88 27.84
N TYR A 516 13.77 -20.39 28.88
CA TYR A 516 13.94 -19.03 29.35
C TYR A 516 15.32 -18.82 29.97
N GLU A 517 15.87 -19.87 30.59
CA GLU A 517 17.23 -19.82 31.11
C GLU A 517 18.19 -19.42 29.99
N THR A 518 18.10 -20.08 28.83
CA THR A 518 18.99 -19.77 27.73
C THR A 518 18.80 -18.32 27.28
N ASN A 519 17.55 -17.89 27.04
CA ASN A 519 17.31 -16.54 26.56
C ASN A 519 17.84 -15.49 27.56
N VAL A 520 17.74 -15.81 28.86
CA VAL A 520 18.19 -14.90 29.91
C VAL A 520 19.71 -14.81 29.91
N THR A 521 20.39 -15.97 29.77
CA THR A 521 21.85 -16.03 29.74
C THR A 521 22.34 -15.19 28.57
N LEU A 522 21.75 -15.39 27.40
CA LEU A 522 22.23 -14.81 26.17
C LEU A 522 21.96 -13.31 26.14
N VAL A 523 20.80 -12.87 26.64
CA VAL A 523 20.58 -11.43 26.70
C VAL A 523 21.60 -10.81 27.66
N SER A 524 21.93 -11.52 28.76
CA SER A 524 22.91 -11.04 29.73
C SER A 524 24.28 -10.79 29.09
N GLU A 525 24.65 -11.64 28.11
CA GLU A 525 25.96 -11.61 27.48
C GLU A 525 26.04 -10.45 26.48
N LYS A 526 24.93 -10.13 25.82
CA LYS A 526 24.93 -9.21 24.71
C LYS A 526 24.53 -7.79 25.13
N ILE A 527 23.81 -7.66 26.25
CA ILE A 527 23.14 -6.42 26.57
C ILE A 527 24.19 -5.29 26.69
N ILE A 528 25.32 -5.54 27.37
CA ILE A 528 26.26 -4.46 27.64
C ILE A 528 27.11 -4.13 26.42
N PRO A 529 27.68 -5.14 25.71
CA PRO A 529 28.31 -4.88 24.40
C PRO A 529 27.42 -4.05 23.47
N TYR A 530 26.10 -4.27 23.51
CA TYR A 530 25.23 -3.55 22.61
C TYR A 530 25.08 -2.12 23.10
N LEU A 531 25.02 -1.92 24.41
CA LEU A 531 24.99 -0.58 24.99
C LEU A 531 26.20 0.23 24.52
N THR A 532 27.38 -0.39 24.65
CA THR A 532 28.63 0.24 24.24
C THR A 532 28.50 0.72 22.80
N LEU A 533 27.96 -0.17 21.94
CA LEU A 533 27.86 0.07 20.51
C LEU A 533 26.96 1.26 20.23
N VAL A 534 25.81 1.30 20.93
CA VAL A 534 24.79 2.33 20.71
C VAL A 534 25.35 3.69 21.07
N ILE A 535 26.13 3.76 22.16
CA ILE A 535 26.74 5.03 22.56
C ILE A 535 27.75 5.44 21.49
N ASP A 536 28.65 4.52 21.13
CA ASP A 536 29.64 4.74 20.09
C ASP A 536 28.97 5.22 18.81
N GLN A 537 27.79 4.69 18.46
CA GLN A 537 27.15 5.08 17.22
C GLN A 537 26.36 6.38 17.37
N PHE A 538 26.26 6.94 18.58
CA PHE A 538 25.51 8.19 18.79
C PHE A 538 26.49 9.38 18.80
N PRO A 539 26.25 10.52 18.08
CA PRO A 539 25.13 10.72 17.14
C PRO A 539 25.36 10.58 15.64
N GLU A 540 26.46 9.95 15.22
CA GLU A 540 26.79 9.83 13.81
C GLU A 540 25.73 9.03 13.07
N PHE A 541 25.31 7.89 13.66
CA PHE A 541 24.40 6.95 13.01
C PHE A 541 23.07 6.81 13.74
N LEU A 542 22.93 7.42 14.92
CA LEU A 542 21.75 7.33 15.76
C LEU A 542 21.37 8.73 16.27
N SER A 543 20.06 8.97 16.38
CA SER A 543 19.53 10.24 16.82
C SER A 543 19.34 10.25 18.34
N ILE A 544 18.94 11.41 18.88
CA ILE A 544 18.66 11.53 20.31
C ILE A 544 17.49 10.59 20.64
N ASN A 545 16.43 10.60 19.82
CA ASN A 545 15.28 9.75 20.08
C ASN A 545 15.75 8.29 20.16
N GLN A 546 16.58 7.85 19.22
CA GLN A 546 16.98 6.46 19.21
C GLN A 546 17.83 6.13 20.43
N LEU A 547 18.61 7.10 20.91
CA LEU A 547 19.45 6.93 22.10
C LEU A 547 18.54 6.76 23.32
N ASP A 548 17.54 7.65 23.46
CA ASP A 548 16.61 7.67 24.57
C ASP A 548 15.86 6.33 24.65
N ILE A 549 15.37 5.82 23.50
CA ILE A 549 14.61 4.58 23.45
C ILE A 549 15.50 3.42 23.88
N ALA A 550 16.74 3.40 23.43
CA ALA A 550 17.63 2.28 23.68
C ALA A 550 18.01 2.22 25.17
N ILE A 551 18.12 3.38 25.80
CA ILE A 551 18.47 3.40 27.21
C ILE A 551 17.26 3.12 28.10
N GLU A 552 16.08 3.61 27.68
CA GLU A 552 14.83 3.22 28.32
C GLU A 552 14.74 1.69 28.37
N THR A 553 14.94 1.04 27.21
CA THR A 553 14.67 -0.39 27.09
C THR A 553 15.74 -1.19 27.83
N ILE A 554 17.01 -0.85 27.64
CA ILE A 554 18.10 -1.60 28.26
C ILE A 554 18.05 -1.40 29.78
N SER A 555 17.88 -0.16 30.25
CA SER A 555 17.78 0.08 31.70
C SER A 555 16.66 -0.78 32.28
N ARG A 556 15.47 -0.72 31.69
CA ARG A 556 14.36 -1.58 32.11
C ARG A 556 14.69 -3.08 32.06
N THR A 557 15.64 -3.52 31.23
CA THR A 557 15.90 -4.95 31.12
C THR A 557 16.79 -5.43 32.28
N VAL A 558 17.75 -4.59 32.69
CA VAL A 558 18.84 -4.98 33.58
C VAL A 558 18.61 -4.56 35.04
N PHE A 559 17.75 -3.56 35.29
CA PHE A 559 17.52 -3.04 36.64
C PHE A 559 16.36 -3.77 37.29
N PRO A 560 16.18 -3.66 38.64
CA PRO A 560 15.39 -4.60 39.40
C PRO A 560 13.89 -4.55 39.16
N ASP A 561 13.25 -5.61 39.68
CA ASP A 561 12.02 -6.20 39.19
C ASP A 561 12.23 -6.58 37.74
N SER A 562 13.24 -7.42 37.48
CA SER A 562 13.53 -7.91 36.13
C SER A 562 14.25 -9.25 36.18
N PRO A 563 13.95 -10.17 35.24
CA PRO A 563 14.66 -11.45 35.19
C PRO A 563 16.18 -11.35 35.10
N ILE A 564 16.69 -10.31 34.44
CA ILE A 564 18.13 -10.09 34.33
C ILE A 564 18.73 -9.79 35.70
N TYR A 565 18.09 -8.90 36.48
CA TYR A 565 18.59 -8.49 37.79
C TYR A 565 18.65 -9.71 38.71
N SER A 566 17.54 -10.47 38.77
CA SER A 566 17.45 -11.67 39.60
C SER A 566 18.50 -12.70 39.20
N TYR A 567 19.04 -12.60 37.97
CA TYR A 567 20.04 -13.53 37.47
C TYR A 567 21.43 -13.02 37.83
N ASP A 568 21.69 -11.76 37.53
CA ASP A 568 23.00 -11.15 37.75
C ASP A 568 22.82 -9.65 37.99
N LYS A 569 22.89 -9.26 39.26
CA LYS A 569 22.70 -7.87 39.63
C LYS A 569 23.81 -7.00 39.02
N ASN A 570 24.93 -7.65 38.67
CA ASN A 570 26.16 -6.96 38.32
C ASN A 570 26.07 -6.31 36.94
N ILE A 571 25.11 -6.75 36.12
CA ILE A 571 24.90 -6.18 34.80
C ILE A 571 24.34 -4.76 34.92
N SER A 572 23.46 -4.52 35.89
CA SER A 572 23.11 -3.16 36.27
C SER A 572 24.39 -2.32 36.46
N SER A 573 25.33 -2.84 37.26
CA SER A 573 26.48 -2.05 37.68
C SER A 573 27.28 -1.67 36.44
N MET A 574 27.55 -2.67 35.59
CA MET A 574 28.30 -2.44 34.36
C MET A 574 27.58 -1.41 33.50
N PHE A 575 26.24 -1.44 33.49
CA PHE A 575 25.45 -0.48 32.72
C PHE A 575 25.86 0.94 33.11
N LEU A 576 25.94 1.20 34.42
CA LEU A 576 26.22 2.55 34.90
C LEU A 576 27.70 2.91 34.69
N ASN A 577 28.58 1.95 34.97
CA ASN A 577 30.02 2.11 34.76
C ASN A 577 30.31 2.55 33.33
N VAL A 578 29.71 1.86 32.36
CA VAL A 578 29.98 2.12 30.96
C VAL A 578 29.41 3.48 30.55
N LEU A 579 28.16 3.73 30.92
CA LEU A 579 27.52 4.99 30.54
C LEU A 579 28.17 6.20 31.25
N PHE A 580 28.48 6.03 32.53
CA PHE A 580 29.17 7.09 33.27
C PHE A 580 30.45 7.46 32.53
N ASN A 581 31.26 6.44 32.19
CA ASN A 581 32.57 6.64 31.60
C ASN A 581 32.50 7.39 30.26
N LYS A 582 31.47 7.15 29.45
CA LYS A 582 31.41 7.83 28.16
C LYS A 582 30.92 9.27 28.35
N CYS A 583 30.37 9.57 29.54
CA CYS A 583 29.94 10.93 29.84
C CYS A 583 31.15 11.84 30.09
N LEU A 584 32.26 11.24 30.56
CA LEU A 584 33.53 11.92 30.77
C LEU A 584 34.23 12.17 29.43
N THR A 585 34.13 11.19 28.53
CA THR A 585 34.80 11.18 27.23
C THR A 585 33.77 11.52 26.16
N LYS A 629 21.33 19.30 22.14
CA LYS A 629 22.42 20.07 21.48
C LYS A 629 23.72 19.26 21.55
N SER A 630 24.58 19.55 22.55
CA SER A 630 25.84 18.85 22.81
C SER A 630 25.63 17.34 22.97
N ARG A 631 26.67 16.57 22.60
CA ARG A 631 26.70 15.13 22.76
C ARG A 631 26.82 14.73 24.24
N ARG A 632 27.73 15.39 24.95
CA ARG A 632 27.95 15.13 26.36
C ARG A 632 26.65 15.38 27.13
N SER A 633 25.99 16.48 26.78
CA SER A 633 24.74 16.88 27.41
C SER A 633 23.71 15.76 27.27
N ALA A 634 23.61 15.19 26.07
CA ALA A 634 22.65 14.14 25.81
C ALA A 634 23.00 12.86 26.58
N LEU A 635 24.28 12.54 26.76
CA LEU A 635 24.64 11.28 27.40
C LEU A 635 24.39 11.34 28.90
N ILE A 636 24.56 12.52 29.52
CA ILE A 636 24.33 12.71 30.95
C ILE A 636 22.82 12.71 31.18
N SER A 637 22.13 13.55 30.42
CA SER A 637 20.68 13.57 30.36
C SER A 637 20.12 12.14 30.34
N ALA A 638 20.75 11.26 29.55
CA ALA A 638 20.31 9.88 29.46
C ALA A 638 20.74 9.04 30.66
N LEU A 639 21.94 9.27 31.19
CA LEU A 639 22.35 8.59 32.41
C LEU A 639 21.35 8.89 33.52
N ILE A 640 20.99 10.17 33.64
CA ILE A 640 20.14 10.65 34.72
C ILE A 640 18.76 10.00 34.59
N SER A 641 18.36 9.72 33.36
CA SER A 641 17.02 9.22 33.08
C SER A 641 16.76 7.88 33.78
N VAL A 642 17.81 7.11 34.09
CA VAL A 642 17.67 5.73 34.55
C VAL A 642 17.69 5.65 36.07
N PHE A 643 17.81 6.79 36.74
CA PHE A 643 18.07 6.83 38.18
C PHE A 643 16.88 6.25 38.94
N PRO A 644 15.61 6.49 38.51
CA PRO A 644 14.44 5.89 39.16
C PRO A 644 14.56 4.39 39.44
N LEU A 645 15.31 3.68 38.59
CA LEU A 645 15.34 2.23 38.63
C LEU A 645 16.46 1.74 39.55
N ILE A 646 17.31 2.67 40.04
CA ILE A 646 18.46 2.25 40.82
C ILE A 646 17.99 1.84 42.21
N PRO A 647 18.44 0.67 42.72
CA PRO A 647 17.99 0.18 44.04
C PRO A 647 18.39 1.17 45.13
N VAL A 648 17.69 1.08 46.28
CA VAL A 648 17.75 2.11 47.30
C VAL A 648 19.18 2.29 47.81
N LYS A 649 19.91 1.18 48.03
CA LYS A 649 21.23 1.26 48.63
C LYS A 649 22.13 2.18 47.81
N ASP A 650 21.99 2.20 46.48
CA ASP A 650 22.96 2.90 45.64
C ASP A 650 22.39 4.24 45.13
N TYR A 651 21.12 4.55 45.43
CA TYR A 651 20.40 5.62 44.74
C TYR A 651 21.03 7.00 44.97
N THR A 652 21.08 7.51 46.22
CA THR A 652 21.59 8.85 46.44
C THR A 652 23.08 8.91 46.10
N LYS A 653 23.79 7.77 46.18
CA LYS A 653 25.17 7.70 45.75
C LYS A 653 25.30 8.28 44.33
N TRP A 654 24.45 7.80 43.41
CA TRP A 654 24.51 8.17 42.00
C TRP A 654 23.99 9.59 41.76
N LEU A 655 23.09 10.05 42.63
CA LEU A 655 22.69 11.45 42.57
C LEU A 655 23.91 12.35 42.77
N SER A 656 24.74 12.01 43.75
CA SER A 656 25.96 12.76 44.05
C SER A 656 26.93 12.65 42.87
N ILE A 657 27.16 11.41 42.43
CA ILE A 657 28.06 11.20 41.31
C ILE A 657 27.64 12.08 40.14
N ALA A 658 26.35 12.13 39.83
CA ALA A 658 25.89 12.94 38.72
C ALA A 658 26.11 14.42 38.99
N PHE A 659 25.73 14.87 40.18
CA PHE A 659 25.77 16.30 40.46
C PHE A 659 27.21 16.81 40.55
N TYR A 660 28.07 16.12 41.31
CA TYR A 660 29.40 16.63 41.63
C TYR A 660 30.36 16.32 40.50
N ASP A 661 30.33 15.08 39.99
CA ASP A 661 31.26 14.64 38.97
C ASP A 661 30.89 15.15 37.59
N LEU A 662 29.59 15.35 37.30
CA LEU A 662 29.18 15.68 35.94
C LEU A 662 28.57 17.08 35.84
N ILE A 663 27.66 17.47 36.75
CA ILE A 663 26.87 18.68 36.53
C ILE A 663 27.66 19.93 36.93
N VAL A 664 28.29 19.93 38.10
CA VAL A 664 29.03 21.12 38.49
C VAL A 664 30.33 21.18 37.68
N ALA A 665 30.82 20.04 37.21
CA ALA A 665 31.96 20.02 36.31
C ALA A 665 31.58 20.46 34.89
N THR A 666 30.43 21.13 34.71
CA THR A 666 30.00 21.57 33.39
C THR A 666 30.22 23.09 33.28
N PRO A 667 31.20 23.55 32.45
CA PRO A 667 31.57 24.97 32.42
C PRO A 667 30.55 26.07 32.12
N GLU A 668 29.51 25.81 31.31
CA GLU A 668 28.63 26.87 30.83
C GLU A 668 27.28 26.79 31.53
N ARG A 669 26.73 27.96 31.87
CA ARG A 669 25.52 28.08 32.67
C ARG A 669 24.36 27.31 32.04
N THR A 670 24.07 27.58 30.76
CA THR A 670 22.85 27.10 30.13
C THR A 670 22.83 25.57 30.12
N GLU A 671 24.00 24.93 29.98
CA GLU A 671 24.07 23.47 29.93
C GLU A 671 24.03 22.93 31.36
N ARG A 672 24.70 23.60 32.30
CA ARG A 672 24.69 23.20 33.71
C ARG A 672 23.27 23.28 34.27
N ALA A 673 22.53 24.33 33.90
CA ALA A 673 21.15 24.54 34.30
C ALA A 673 20.23 23.47 33.73
N PHE A 674 20.45 23.11 32.45
CA PHE A 674 19.62 22.11 31.80
C PHE A 674 19.79 20.78 32.52
N LEU A 675 21.04 20.38 32.80
CA LEU A 675 21.28 19.08 33.42
C LEU A 675 20.76 19.06 34.86
N GLN A 676 20.76 20.22 35.52
CA GLN A 676 20.28 20.31 36.89
C GLN A 676 18.77 20.10 36.91
N GLU A 677 18.05 20.68 35.92
CA GLU A 677 16.61 20.51 35.83
C GLU A 677 16.30 19.06 35.45
N ARG A 678 17.23 18.37 34.77
CA ARG A 678 17.02 16.97 34.47
C ARG A 678 17.23 16.12 35.72
N LEU A 679 18.15 16.51 36.59
CA LEU A 679 18.35 15.76 37.82
C LEU A 679 17.10 15.88 38.69
N TRP A 680 16.43 17.04 38.64
CA TRP A 680 15.21 17.27 39.38
C TRP A 680 14.10 16.38 38.81
N ASP A 681 13.99 16.36 37.47
CA ASP A 681 12.96 15.54 36.84
C ASP A 681 13.14 14.09 37.30
N CYS A 682 14.38 13.65 37.53
CA CYS A 682 14.55 12.24 37.87
C CYS A 682 14.13 12.01 39.32
N VAL A 683 14.27 13.04 40.15
CA VAL A 683 13.81 12.93 41.52
C VAL A 683 12.29 12.85 41.54
N VAL A 684 11.63 13.73 40.77
CA VAL A 684 10.19 13.77 40.66
C VAL A 684 9.67 12.47 40.09
N GLY A 685 10.37 11.94 39.07
CA GLY A 685 9.96 10.72 38.39
C GLY A 685 10.20 9.51 39.28
N THR A 686 11.27 9.53 40.10
CA THR A 686 11.48 8.51 41.11
C THR A 686 10.27 8.44 42.04
N ASN A 687 9.77 9.61 42.44
CA ASN A 687 8.61 9.74 43.32
C ASN A 687 7.38 9.10 42.67
N LYS A 688 7.18 9.29 41.35
CA LYS A 688 5.97 8.75 40.73
C LYS A 688 6.00 7.23 40.84
N TYR A 689 7.20 6.65 40.77
CA TYR A 689 7.41 5.22 40.58
C TYR A 689 7.57 4.53 41.94
N ASP A 690 8.14 5.23 42.93
CA ASP A 690 8.40 4.64 44.23
C ASP A 690 8.52 5.77 45.26
N PRO A 691 7.38 6.29 45.74
CA PRO A 691 7.39 7.39 46.71
C PRO A 691 8.48 7.34 47.78
N GLN A 692 8.77 6.15 48.31
CA GLN A 692 9.66 6.10 49.47
C GLN A 692 11.12 6.30 49.04
N LYS A 693 11.51 5.78 47.87
CA LYS A 693 12.86 6.02 47.41
C LYS A 693 12.94 7.46 46.91
N GLY A 694 11.86 7.92 46.25
CA GLY A 694 11.75 9.30 45.80
C GLY A 694 12.03 10.33 46.89
N ASN A 695 11.59 10.06 48.13
CA ASN A 695 11.78 10.96 49.25
C ASN A 695 13.25 11.05 49.64
N LEU A 696 13.98 9.93 49.54
CA LEU A 696 15.42 9.98 49.75
C LEU A 696 16.04 10.99 48.78
N GLY A 697 15.44 11.11 47.58
CA GLY A 697 15.89 12.06 46.56
C GLY A 697 15.65 13.51 46.99
N ILE A 698 14.42 13.80 47.40
CA ILE A 698 14.03 15.13 47.86
C ILE A 698 14.90 15.55 49.05
N MET A 699 15.25 14.60 49.91
CA MET A 699 16.09 14.84 51.08
C MET A 699 17.49 15.21 50.60
N TRP A 700 17.98 14.39 49.68
CA TRP A 700 19.29 14.62 49.11
C TRP A 700 19.31 15.97 48.38
N TRP A 701 18.21 16.31 47.69
CA TRP A 701 18.15 17.49 46.86
C TRP A 701 18.37 18.75 47.70
N TYR A 702 17.58 18.90 48.77
CA TYR A 702 17.56 20.16 49.52
C TYR A 702 18.71 20.20 50.51
N GLU A 703 19.47 19.08 50.65
CA GLU A 703 20.71 19.05 51.42
C GLU A 703 21.93 19.30 50.52
N ASN A 704 21.77 19.39 49.19
CA ASN A 704 22.93 19.48 48.29
C ASN A 704 22.80 20.61 47.24
N VAL A 705 21.58 21.03 46.90
CA VAL A 705 21.38 21.93 45.77
C VAL A 705 20.73 23.22 46.27
N ASN A 706 21.35 24.37 45.99
CA ASN A 706 20.78 25.67 46.33
C ASN A 706 19.71 26.05 45.29
#